data_7PJ2
#
_entry.id   7PJ2
#
_cell.length_a   36.032
_cell.length_b   66.617
_cell.length_c   64.028
_cell.angle_alpha   90.00
_cell.angle_beta   90.89
_cell.angle_gamma   90.00
#
_symmetry.space_group_name_H-M   'P 1 21 1'
#
loop_
_entity.id
_entity.type
_entity.pdbx_description
1 polymer 'UDP-3-O-acyl-N-acetylglucosamine deacetylase'
2 non-polymer 'ZINC ION'
3 non-polymer (2R,4R)-4-[[(2S,4S)-4-fluoranylpyrrolidin-2-yl]carbonylamino]-1-(2-methylpropanoyl)-N-[[4-[2-[4-(morpholin-4-ylmethyl)phenyl]ethynyl]phenyl]methyl]pyrrolidine-2-carboxamide
4 water water
#
_entity_poly.entity_id   1
_entity_poly.type   'polypeptide(L)'
_entity_poly.pdbx_seq_one_letter_code
;HHHHHHENLYFQSMIKQRTLKNIIRATGVGLHSGEKVYLTLKPAPVDTGIVFSRTDLDPVVEIPARAENVGETTMSTTLV
KGDVKVDTVEHLLSAMAGLGIDNAYVELSASEVPIMDGSAGPFVFLIQSAGLQEQEAAKKFIRIKREVSVEEGDKRAVFV
PFDGFKVSFEIDFDHPVFRGRTQQASVDFSSTSFVKEVSRARTFGFMRDIEYLRSQNLALGGSVENAIVVDENRVLNEDG
LRYEDEFVKHKILDAIGDLYLLGNSLIGEFRGFKSGHALNNQLLRTLIADKDAWEVVTFEDARTAPISYMRP
;
_entity_poly.pdbx_strand_id   A
#
# COMPACT_ATOMS: atom_id res chain seq x y z
N MET A 14 23.07 0.53 -14.17
CA MET A 14 21.77 1.26 -14.01
C MET A 14 20.90 0.58 -12.95
N ILE A 15 20.01 1.33 -12.29
CA ILE A 15 18.96 0.71 -11.44
C ILE A 15 17.94 0.10 -12.39
N LYS A 16 17.77 -1.21 -12.31
CA LYS A 16 16.95 -2.02 -13.23
C LYS A 16 15.54 -2.21 -12.68
N GLN A 17 14.58 -2.38 -13.59
CA GLN A 17 13.22 -2.80 -13.24
C GLN A 17 13.28 -4.20 -12.62
N ARG A 18 12.34 -4.51 -11.74
CA ARG A 18 12.27 -5.83 -11.06
C ARG A 18 10.88 -6.45 -11.24
N THR A 19 10.86 -7.76 -11.41
CA THR A 19 9.65 -8.60 -11.38
C THR A 19 9.89 -9.77 -10.44
N LEU A 20 8.89 -10.65 -10.33
CA LEU A 20 9.00 -11.93 -9.57
C LEU A 20 9.86 -12.93 -10.35
N LYS A 21 10.73 -13.66 -9.64
CA LYS A 21 11.52 -14.81 -10.21
C LYS A 21 10.61 -16.02 -10.36
N ASN A 22 9.71 -16.23 -9.40
CA ASN A 22 8.81 -17.41 -9.34
C ASN A 22 7.42 -16.91 -8.94
N ILE A 23 6.38 -17.70 -9.22
CA ILE A 23 4.97 -17.34 -8.88
C ILE A 23 4.82 -17.44 -7.35
N ILE A 24 3.94 -16.61 -6.80
CA ILE A 24 3.48 -16.66 -5.38
C ILE A 24 2.02 -17.09 -5.38
N ARG A 25 1.67 -18.03 -4.51
CA ARG A 25 0.28 -18.47 -4.30
C ARG A 25 -0.03 -18.25 -2.82
N ALA A 26 -1.19 -17.67 -2.54
CA ALA A 26 -1.72 -17.51 -1.17
C ALA A 26 -3.24 -17.71 -1.20
N THR A 27 -3.77 -18.30 -0.12
CA THR A 27 -5.22 -18.45 0.11
C THR A 27 -5.57 -17.70 1.38
N GLY A 28 -6.57 -16.83 1.32
CA GLY A 28 -6.94 -16.05 2.50
C GLY A 28 -8.38 -15.64 2.47
N VAL A 29 -8.67 -14.59 3.22
CA VAL A 29 -10.06 -14.08 3.38
CA VAL A 29 -10.04 -14.07 3.46
C VAL A 29 -10.03 -12.56 3.20
N GLY A 30 -11.06 -12.03 2.55
CA GLY A 30 -11.24 -10.57 2.41
C GLY A 30 -11.60 -9.99 3.75
N LEU A 31 -10.92 -8.92 4.19
CA LEU A 31 -11.26 -8.19 5.44
C LEU A 31 -12.73 -7.80 5.43
N HIS A 32 -13.18 -7.10 4.38
CA HIS A 32 -14.53 -6.50 4.36
C HIS A 32 -15.56 -7.54 3.95
N SER A 33 -15.25 -8.33 2.92
CA SER A 33 -16.23 -9.27 2.29
C SER A 33 -16.33 -10.57 3.11
N GLY A 34 -15.25 -11.00 3.77
CA GLY A 34 -15.21 -12.33 4.41
C GLY A 34 -15.14 -13.45 3.39
N GLU A 35 -14.89 -13.13 2.13
CA GLU A 35 -14.84 -14.14 1.05
C GLU A 35 -13.48 -14.83 1.05
N LYS A 36 -13.48 -16.16 0.89
CA LYS A 36 -12.27 -16.97 0.63
C LYS A 36 -11.73 -16.59 -0.75
N VAL A 37 -10.43 -16.34 -0.84
CA VAL A 37 -9.80 -15.81 -2.08
C VAL A 37 -8.45 -16.50 -2.27
N TYR A 38 -8.20 -16.90 -3.51
CA TYR A 38 -6.93 -17.44 -4.00
C TYR A 38 -6.23 -16.30 -4.75
N LEU A 39 -5.01 -16.04 -4.30
CA LEU A 39 -4.12 -14.98 -4.83
C LEU A 39 -2.97 -15.67 -5.53
N THR A 40 -2.66 -15.24 -6.75
CA THR A 40 -1.44 -15.63 -7.48
C THR A 40 -0.69 -14.38 -7.95
N LEU A 41 0.57 -14.26 -7.59
CA LEU A 41 1.45 -13.21 -8.19
C LEU A 41 2.30 -13.88 -9.27
N LYS A 42 2.38 -13.27 -10.45
CA LYS A 42 3.16 -13.80 -11.60
C LYS A 42 4.13 -12.74 -12.09
N PRO A 43 5.26 -13.18 -12.69
CA PRO A 43 6.16 -12.27 -13.38
C PRO A 43 5.41 -11.58 -14.52
N ALA A 44 5.84 -10.36 -14.85
CA ALA A 44 5.27 -9.55 -15.93
C ALA A 44 6.41 -8.86 -16.67
N PRO A 45 6.22 -8.55 -17.97
CA PRO A 45 7.23 -7.86 -18.74
C PRO A 45 7.55 -6.45 -18.23
N VAL A 46 8.67 -5.94 -18.74
CA VAL A 46 9.14 -4.55 -18.55
C VAL A 46 7.99 -3.59 -18.82
N ASP A 47 7.81 -2.57 -17.97
CA ASP A 47 6.84 -1.46 -18.15
C ASP A 47 5.39 -1.97 -18.13
N THR A 48 5.12 -3.15 -17.57
CA THR A 48 3.74 -3.62 -17.33
C THR A 48 3.14 -2.86 -16.16
N GLY A 49 3.96 -2.56 -15.14
CA GLY A 49 3.47 -2.13 -13.83
C GLY A 49 2.79 -3.26 -13.10
N ILE A 50 2.05 -2.93 -12.05
CA ILE A 50 1.26 -3.93 -11.26
C ILE A 50 -0.13 -3.97 -11.88
N VAL A 51 -0.58 -5.15 -12.29
CA VAL A 51 -1.91 -5.31 -12.93
C VAL A 51 -2.67 -6.38 -12.16
N PHE A 52 -3.85 -6.04 -11.66
CA PHE A 52 -4.75 -6.98 -10.95
C PHE A 52 -5.68 -7.61 -11.97
N SER A 53 -6.05 -8.85 -11.71
CA SER A 53 -6.83 -9.66 -12.65
C SER A 53 -7.85 -10.50 -11.90
N ARG A 54 -9.14 -10.30 -12.15
CA ARG A 54 -10.22 -11.13 -11.60
C ARG A 54 -10.32 -12.37 -12.46
N THR A 55 -9.76 -13.50 -12.01
CA THR A 55 -9.68 -14.75 -12.81
C THR A 55 -10.92 -15.61 -12.61
N ASP A 56 -11.78 -15.25 -11.66
CA ASP A 56 -13.09 -15.91 -11.43
C ASP A 56 -14.10 -15.51 -12.51
N LEU A 57 -13.84 -14.43 -13.25
CA LEU A 57 -14.75 -13.92 -14.30
C LEU A 57 -14.30 -14.47 -15.64
N ASP A 58 -15.27 -14.69 -16.53
CA ASP A 58 -15.03 -15.09 -17.94
C ASP A 58 -15.77 -14.08 -18.82
N PRO A 59 -15.06 -13.26 -19.62
CA PRO A 59 -13.60 -13.22 -19.62
C PRO A 59 -13.00 -12.64 -18.32
N VAL A 60 -11.71 -12.88 -18.14
CA VAL A 60 -10.88 -12.33 -17.04
C VAL A 60 -10.91 -10.79 -17.16
N VAL A 61 -10.97 -10.06 -16.04
CA VAL A 61 -11.00 -8.56 -16.03
C VAL A 61 -9.68 -8.07 -15.44
N GLU A 62 -8.91 -7.32 -16.21
CA GLU A 62 -7.58 -6.83 -15.75
C GLU A 62 -7.66 -5.34 -15.44
N ILE A 63 -7.20 -4.94 -14.27
CA ILE A 63 -7.23 -3.51 -13.84
C ILE A 63 -5.83 -3.11 -13.40
N PRO A 64 -5.14 -2.24 -14.17
CA PRO A 64 -3.88 -1.65 -13.72
C PRO A 64 -4.06 -0.94 -12.38
N ALA A 65 -3.10 -1.13 -11.48
CA ALA A 65 -2.99 -0.50 -10.16
C ALA A 65 -2.51 0.94 -10.34
N ARG A 66 -3.39 1.80 -10.86
CA ARG A 66 -3.09 3.21 -11.22
C ARG A 66 -4.21 4.10 -10.71
N ALA A 67 -3.88 5.34 -10.34
CA ALA A 67 -4.79 6.29 -9.69
C ALA A 67 -6.06 6.46 -10.54
N GLU A 68 -5.93 6.40 -11.86
CA GLU A 68 -7.08 6.59 -12.79
C GLU A 68 -8.14 5.51 -12.56
N ASN A 69 -7.80 4.36 -11.95
CA ASN A 69 -8.72 3.20 -11.82
C ASN A 69 -9.25 3.07 -10.39
N VAL A 70 -8.99 4.04 -9.53
CA VAL A 70 -9.47 4.00 -8.12
C VAL A 70 -10.95 4.39 -8.12
N GLY A 71 -11.79 3.62 -7.44
CA GLY A 71 -13.21 3.98 -7.20
C GLY A 71 -13.40 4.35 -5.75
N GLU A 72 -14.20 3.56 -5.02
CA GLU A 72 -14.39 3.62 -3.54
C GLU A 72 -13.03 3.76 -2.84
N THR A 73 -12.99 4.55 -1.77
CA THR A 73 -11.80 4.82 -0.92
C THR A 73 -12.24 4.99 0.54
N THR A 74 -13.52 4.72 0.82
CA THR A 74 -14.17 4.86 2.16
C THR A 74 -13.56 3.81 3.09
N MET A 75 -13.68 2.53 2.74
CA MET A 75 -13.31 1.36 3.60
C MET A 75 -11.85 0.93 3.36
N SER A 76 -11.32 1.17 2.16
CA SER A 76 -9.99 0.72 1.71
C SER A 76 -9.80 1.20 0.27
N THR A 77 -8.66 0.92 -0.36
CA THR A 77 -8.37 1.34 -1.74
C THR A 77 -8.94 0.28 -2.68
N THR A 78 -9.84 0.69 -3.56
CA THR A 78 -10.56 -0.20 -4.50
C THR A 78 -10.20 0.20 -5.94
N LEU A 79 -9.89 -0.77 -6.79
CA LEU A 79 -9.75 -0.57 -8.25
C LEU A 79 -11.05 -0.98 -8.91
N VAL A 80 -11.46 -0.27 -9.95
N VAL A 80 -11.46 -0.27 -9.95
CA VAL A 80 -12.77 -0.48 -10.62
CA VAL A 80 -12.77 -0.47 -10.62
C VAL A 80 -12.58 -0.40 -12.13
C VAL A 80 -12.58 -0.40 -12.13
N LYS A 81 -13.26 -1.30 -12.85
CA LYS A 81 -13.42 -1.21 -14.31
C LYS A 81 -14.87 -1.65 -14.58
N GLY A 82 -15.69 -0.72 -15.06
CA GLY A 82 -17.15 -0.91 -15.12
C GLY A 82 -17.73 -1.25 -13.75
N ASP A 83 -18.48 -2.36 -13.67
CA ASP A 83 -19.09 -2.85 -12.40
C ASP A 83 -18.19 -3.90 -11.72
N VAL A 84 -16.95 -4.08 -12.18
CA VAL A 84 -16.00 -5.06 -11.57
C VAL A 84 -15.07 -4.27 -10.65
N LYS A 85 -14.83 -4.79 -9.45
CA LYS A 85 -13.92 -4.10 -8.50
C LYS A 85 -12.89 -5.09 -7.96
N VAL A 86 -11.74 -4.57 -7.55
CA VAL A 86 -10.73 -5.27 -6.72
C VAL A 86 -10.56 -4.40 -5.47
N ASP A 87 -10.95 -4.94 -4.31
CA ASP A 87 -10.98 -4.20 -3.02
C ASP A 87 -9.70 -4.47 -2.24
N THR A 88 -9.27 -3.46 -1.49
CA THR A 88 -8.21 -3.58 -0.45
C THR A 88 -6.88 -3.96 -1.09
N VAL A 89 -6.40 -3.15 -2.02
CA VAL A 89 -5.10 -3.36 -2.73
C VAL A 89 -3.91 -2.80 -1.95
N GLU A 90 -4.13 -1.93 -0.95
CA GLU A 90 -3.06 -1.05 -0.43
C GLU A 90 -1.97 -1.85 0.29
N HIS A 91 -2.29 -2.93 1.02
CA HIS A 91 -1.23 -3.65 1.77
C HIS A 91 -0.33 -4.41 0.79
N LEU A 92 -0.91 -5.01 -0.23
CA LEU A 92 -0.10 -5.73 -1.24
C LEU A 92 0.71 -4.72 -2.05
N LEU A 93 0.12 -3.59 -2.43
CA LEU A 93 0.88 -2.55 -3.19
C LEU A 93 2.00 -2.00 -2.32
N SER A 94 1.78 -1.89 -1.00
CA SER A 94 2.82 -1.40 -0.07
C SER A 94 4.00 -2.38 -0.11
N ALA A 95 3.74 -3.68 -0.02
CA ALA A 95 4.77 -4.73 -0.15
C ALA A 95 5.52 -4.57 -1.48
N MET A 96 4.82 -4.35 -2.59
CA MET A 96 5.46 -4.30 -3.91
C MET A 96 6.35 -3.07 -3.99
N ALA A 97 5.85 -1.92 -3.52
CA ALA A 97 6.62 -0.67 -3.49
C ALA A 97 7.82 -0.81 -2.55
N GLY A 98 7.64 -1.39 -1.36
CA GLY A 98 8.72 -1.55 -0.37
C GLY A 98 9.88 -2.38 -0.91
N LEU A 99 9.60 -3.36 -1.77
CA LEU A 99 10.63 -4.32 -2.28
C LEU A 99 11.12 -3.89 -3.65
N GLY A 100 10.52 -2.85 -4.22
CA GLY A 100 10.92 -2.31 -5.53
C GLY A 100 10.47 -3.18 -6.67
N ILE A 101 9.29 -3.79 -6.57
CA ILE A 101 8.70 -4.58 -7.69
C ILE A 101 7.95 -3.65 -8.65
N ASP A 102 8.45 -3.57 -9.88
CA ASP A 102 7.87 -2.72 -10.95
C ASP A 102 6.71 -3.46 -11.61
N ASN A 103 6.93 -4.74 -11.97
CA ASN A 103 6.08 -5.44 -12.95
C ASN A 103 5.56 -6.75 -12.34
N ALA A 104 4.24 -6.92 -12.31
CA ALA A 104 3.62 -8.15 -11.80
C ALA A 104 2.16 -8.23 -12.18
N TYR A 105 1.69 -9.45 -12.46
CA TYR A 105 0.25 -9.74 -12.58
C TYR A 105 -0.20 -10.30 -11.24
N VAL A 106 -1.29 -9.75 -10.71
CA VAL A 106 -1.88 -10.18 -9.42
C VAL A 106 -3.24 -10.77 -9.75
N GLU A 107 -3.31 -12.11 -9.79
CA GLU A 107 -4.58 -12.81 -10.08
C GLU A 107 -5.31 -13.05 -8.76
N LEU A 108 -6.62 -12.82 -8.78
CA LEU A 108 -7.50 -13.02 -7.62
C LEU A 108 -8.74 -13.76 -8.07
N SER A 109 -9.23 -14.69 -7.24
CA SER A 109 -10.42 -15.52 -7.49
C SER A 109 -11.67 -14.86 -6.91
N ALA A 110 -11.54 -13.68 -6.32
CA ALA A 110 -12.67 -12.92 -5.71
C ALA A 110 -12.32 -11.45 -5.68
N SER A 111 -13.24 -10.59 -5.28
CA SER A 111 -13.09 -9.13 -5.42
C SER A 111 -12.01 -8.62 -4.45
N GLU A 112 -11.82 -9.25 -3.30
CA GLU A 112 -10.97 -8.61 -2.26
C GLU A 112 -9.66 -9.38 -2.10
N VAL A 113 -8.54 -8.64 -2.11
CA VAL A 113 -7.19 -9.16 -1.77
C VAL A 113 -7.28 -9.76 -0.36
N PRO A 114 -6.66 -10.92 -0.08
CA PRO A 114 -6.71 -11.52 1.26
C PRO A 114 -6.04 -10.56 2.24
N ILE A 115 -6.59 -10.47 3.45
CA ILE A 115 -6.07 -9.59 4.55
C ILE A 115 -4.85 -10.21 5.22
N MET A 116 -4.67 -11.54 5.18
CA MET A 116 -3.48 -12.21 5.79
C MET A 116 -3.49 -11.85 7.28
N ASP A 117 -2.42 -11.26 7.84
CA ASP A 117 -2.37 -10.96 9.30
C ASP A 117 -2.68 -9.48 9.58
N GLY A 118 -3.09 -8.71 8.57
CA GLY A 118 -3.45 -7.29 8.68
C GLY A 118 -2.32 -6.37 8.25
N SER A 119 -1.13 -6.93 7.97
CA SER A 119 0.09 -6.16 7.61
C SER A 119 0.54 -6.55 6.19
N ALA A 120 1.69 -6.04 5.75
CA ALA A 120 2.30 -6.41 4.46
C ALA A 120 3.30 -7.55 4.69
N GLY A 121 3.54 -7.92 5.96
CA GLY A 121 4.57 -8.87 6.38
C GLY A 121 4.45 -10.19 5.63
N PRO A 122 3.28 -10.86 5.65
CA PRO A 122 3.13 -12.13 4.94
C PRO A 122 3.37 -12.00 3.42
N PHE A 123 2.92 -10.94 2.76
CA PHE A 123 3.20 -10.73 1.30
C PHE A 123 4.70 -10.54 1.10
N VAL A 124 5.34 -9.73 1.92
CA VAL A 124 6.81 -9.50 1.79
C VAL A 124 7.51 -10.85 1.90
N PHE A 125 7.13 -11.68 2.89
CA PHE A 125 7.81 -12.98 3.10
C PHE A 125 7.60 -13.90 1.89
N LEU A 126 6.37 -13.99 1.38
CA LEU A 126 6.05 -14.83 0.19
C LEU A 126 6.87 -14.35 -1.01
N ILE A 127 6.98 -13.04 -1.21
CA ILE A 127 7.70 -12.48 -2.39
C ILE A 127 9.20 -12.76 -2.26
N GLN A 128 9.76 -12.54 -1.07
CA GLN A 128 11.23 -12.69 -0.86
C GLN A 128 11.59 -14.18 -0.87
N SER A 129 10.68 -15.08 -0.49
CA SER A 129 10.86 -16.54 -0.65
C SER A 129 10.91 -16.91 -2.13
N ALA A 130 9.97 -16.40 -2.94
CA ALA A 130 9.90 -16.61 -4.40
C ALA A 130 11.16 -16.03 -5.04
N GLY A 131 11.58 -14.86 -4.57
CA GLY A 131 12.76 -14.14 -5.07
C GLY A 131 12.37 -13.14 -6.15
N LEU A 132 13.18 -12.13 -6.37
CA LEU A 132 12.96 -11.10 -7.42
C LEU A 132 13.93 -11.34 -8.58
N GLN A 133 13.57 -10.83 -9.76
CA GLN A 133 14.33 -10.92 -11.03
C GLN A 133 14.51 -9.52 -11.60
N GLU A 134 15.77 -9.05 -11.65
CA GLU A 134 16.14 -7.77 -12.32
C GLU A 134 15.91 -7.97 -13.82
N GLN A 135 15.31 -6.97 -14.46
CA GLN A 135 14.94 -6.98 -15.89
C GLN A 135 15.83 -5.97 -16.62
N GLU A 136 16.08 -6.18 -17.92
CA GLU A 136 16.99 -5.35 -18.76
C GLU A 136 16.30 -4.07 -19.22
N ALA A 137 15.94 -3.21 -18.28
CA ALA A 137 15.32 -1.88 -18.54
C ALA A 137 15.53 -1.02 -17.29
N ALA A 138 15.83 0.27 -17.49
CA ALA A 138 15.99 1.24 -16.38
C ALA A 138 14.67 1.33 -15.62
N LYS A 139 14.72 1.21 -14.30
CA LYS A 139 13.59 1.50 -13.40
C LYS A 139 13.22 2.98 -13.54
N LYS A 140 11.93 3.28 -13.70
CA LYS A 140 11.42 4.68 -13.78
C LYS A 140 10.96 5.09 -12.39
N PHE A 141 11.27 6.33 -12.02
CA PHE A 141 10.89 6.98 -10.74
C PHE A 141 10.11 8.24 -11.08
N ILE A 142 9.09 8.53 -10.28
CA ILE A 142 8.39 9.84 -10.32
C ILE A 142 9.10 10.74 -9.34
N ARG A 143 9.70 11.82 -9.84
CA ARG A 143 10.41 12.79 -8.98
C ARG A 143 9.54 14.03 -8.77
N ILE A 144 9.28 14.35 -7.50
CA ILE A 144 8.54 15.56 -7.08
C ILE A 144 9.47 16.75 -7.32
N LYS A 145 8.99 17.74 -8.09
CA LYS A 145 9.73 18.96 -8.46
C LYS A 145 9.17 20.21 -7.74
N ARG A 146 7.88 20.19 -7.38
CA ARG A 146 7.20 21.31 -6.69
C ARG A 146 6.34 20.76 -5.57
N GLU A 147 6.14 21.54 -4.51
CA GLU A 147 5.23 21.20 -3.40
C GLU A 147 3.82 21.09 -3.98
N VAL A 148 3.13 19.99 -3.70
CA VAL A 148 1.68 19.82 -4.03
C VAL A 148 0.96 19.43 -2.76
N SER A 149 -0.03 20.20 -2.35
CA SER A 149 -0.77 19.90 -1.10
C SER A 149 -2.26 19.90 -1.38
N VAL A 150 -2.99 19.02 -0.72
CA VAL A 150 -4.48 19.05 -0.75
C VAL A 150 -4.93 19.06 0.69
N GLU A 151 -5.99 19.82 0.97
CA GLU A 151 -6.67 19.87 2.28
C GLU A 151 -8.15 19.58 2.05
N GLU A 152 -8.82 19.05 3.06
CA GLU A 152 -10.30 19.04 3.19
C GLU A 152 -10.61 18.98 4.68
N GLY A 153 -11.29 20.01 5.21
CA GLY A 153 -11.43 20.22 6.66
C GLY A 153 -10.06 20.28 7.34
N ASP A 154 -9.85 19.44 8.36
CA ASP A 154 -8.67 19.44 9.26
C ASP A 154 -7.56 18.56 8.65
N LYS A 155 -7.87 17.76 7.62
CA LYS A 155 -6.96 16.77 7.01
C LYS A 155 -6.09 17.41 5.93
N ARG A 156 -4.86 16.94 5.79
CA ARG A 156 -3.90 17.43 4.77
C ARG A 156 -2.98 16.29 4.31
N ALA A 157 -2.64 16.32 3.02
CA ALA A 157 -1.69 15.40 2.37
C ALA A 157 -0.80 16.26 1.47
N VAL A 158 0.52 16.10 1.59
CA VAL A 158 1.49 16.95 0.85
C VAL A 158 2.53 16.06 0.19
N PHE A 159 2.90 16.39 -1.04
CA PHE A 159 4.19 15.98 -1.65
C PHE A 159 5.16 17.16 -1.56
N VAL A 160 6.40 16.90 -1.14
CA VAL A 160 7.49 17.91 -1.06
C VAL A 160 8.69 17.35 -1.83
N PRO A 161 9.38 18.17 -2.65
CA PRO A 161 10.62 17.73 -3.27
C PRO A 161 11.59 17.25 -2.18
N PHE A 162 12.25 16.14 -2.49
CA PHE A 162 13.26 15.51 -1.60
C PHE A 162 14.06 14.51 -2.41
N ASP A 163 15.38 14.59 -2.27
CA ASP A 163 16.40 13.74 -2.95
C ASP A 163 16.51 12.41 -2.19
N GLY A 164 15.53 11.53 -2.37
CA GLY A 164 15.35 10.31 -1.58
C GLY A 164 13.87 9.97 -1.49
N PHE A 165 13.47 9.20 -0.48
CA PHE A 165 12.06 8.82 -0.24
C PHE A 165 11.82 8.78 1.27
N LYS A 166 10.96 9.67 1.75
CA LYS A 166 10.57 9.71 3.19
C LYS A 166 9.08 10.03 3.30
N VAL A 167 8.46 9.48 4.36
CA VAL A 167 7.00 9.49 4.63
C VAL A 167 6.84 9.89 6.09
N SER A 168 6.00 10.90 6.32
CA SER A 168 5.56 11.38 7.66
C SER A 168 4.07 11.15 7.77
N PHE A 169 3.60 10.79 8.94
CA PHE A 169 2.16 10.64 9.22
C PHE A 169 1.86 11.06 10.65
N GLU A 170 0.73 11.74 10.78
CA GLU A 170 0.13 12.13 12.07
C GLU A 170 -1.33 11.68 12.07
N ILE A 171 -1.72 10.92 13.09
CA ILE A 171 -3.16 10.66 13.36
C ILE A 171 -3.51 11.30 14.69
N ASP A 172 -4.79 11.45 14.97
CA ASP A 172 -5.30 12.08 16.21
C ASP A 172 -6.63 11.43 16.56
N PHE A 173 -6.59 10.29 17.24
CA PHE A 173 -7.80 9.62 17.75
C PHE A 173 -7.95 10.02 19.21
N ASP A 174 -9.13 10.51 19.59
CA ASP A 174 -9.47 10.85 21.00
C ASP A 174 -9.90 9.55 21.68
N HIS A 175 -8.93 8.69 21.99
CA HIS A 175 -9.11 7.32 22.53
C HIS A 175 -7.99 7.00 23.52
N PRO A 176 -8.32 6.45 24.70
CA PRO A 176 -7.33 6.12 25.73
C PRO A 176 -6.12 5.35 25.19
N VAL A 177 -6.35 4.36 24.32
CA VAL A 177 -5.26 3.50 23.78
C VAL A 177 -4.31 4.37 22.93
N PHE A 178 -4.86 5.37 22.23
CA PHE A 178 -4.12 6.23 21.26
C PHE A 178 -3.44 7.38 22.01
N ARG A 181 -0.02 6.41 23.46
CA ARG A 181 0.92 5.89 22.42
C ARG A 181 1.36 7.03 21.48
N THR A 182 2.41 6.77 20.69
CA THR A 182 2.95 7.67 19.64
C THR A 182 1.93 7.75 18.48
N GLN A 183 1.44 8.95 18.16
CA GLN A 183 0.43 9.18 17.08
C GLN A 183 1.08 9.91 15.91
N GLN A 184 2.39 10.10 15.93
CA GLN A 184 3.18 10.68 14.82
C GLN A 184 4.40 9.80 14.57
N ALA A 185 4.80 9.63 13.32
CA ALA A 185 6.02 8.90 12.94
C ALA A 185 6.56 9.42 11.61
N SER A 186 7.87 9.34 11.46
CA SER A 186 8.62 9.70 10.24
C SER A 186 9.50 8.52 9.89
N VAL A 187 9.48 8.12 8.62
CA VAL A 187 10.41 7.09 8.06
CA VAL A 187 10.44 7.11 8.07
C VAL A 187 11.14 7.73 6.87
N ASP A 188 12.43 7.50 6.77
CA ASP A 188 13.27 7.91 5.63
C ASP A 188 14.04 6.65 5.27
N PHE A 189 13.90 6.18 4.03
CA PHE A 189 14.42 4.86 3.62
C PHE A 189 15.94 4.90 3.39
N SER A 190 16.60 6.04 3.62
CA SER A 190 18.08 6.12 3.75
C SER A 190 18.56 5.41 5.03
N SER A 191 17.71 5.33 6.06
CA SER A 191 18.00 4.59 7.32
C SER A 191 16.96 3.50 7.58
N THR A 192 15.67 3.81 7.51
CA THR A 192 14.59 2.85 7.85
C THR A 192 14.61 1.63 6.91
N SER A 193 14.47 0.44 7.48
CA SER A 193 14.13 -0.80 6.74
C SER A 193 12.60 -0.89 6.61
N PHE A 194 12.07 -0.83 5.40
CA PHE A 194 10.64 -1.12 5.15
C PHE A 194 10.29 -2.47 5.80
N VAL A 195 11.10 -3.49 5.51
CA VAL A 195 10.79 -4.88 5.95
C VAL A 195 10.69 -4.90 7.48
N LYS A 196 11.70 -4.38 8.19
CA LYS A 196 11.84 -4.58 9.66
C LYS A 196 10.96 -3.60 10.43
N GLU A 197 10.77 -2.38 9.94
CA GLU A 197 10.20 -1.27 10.74
C GLU A 197 8.80 -0.89 10.27
N VAL A 198 8.40 -1.21 9.04
CA VAL A 198 7.06 -0.78 8.55
C VAL A 198 6.19 -2.00 8.25
N SER A 199 6.73 -2.99 7.53
CA SER A 199 5.93 -4.04 6.83
C SER A 199 5.05 -4.82 7.80
N ARG A 200 5.46 -5.03 9.06
CA ARG A 200 4.72 -5.89 10.02
C ARG A 200 3.59 -5.11 10.75
N ALA A 201 3.41 -3.82 10.48
CA ALA A 201 2.41 -2.97 11.16
C ALA A 201 1.01 -3.38 10.67
N ARG A 202 0.12 -3.79 11.57
CA ARG A 202 -1.21 -4.34 11.21
C ARG A 202 -2.29 -3.26 11.19
N THR A 203 -3.33 -3.49 10.40
CA THR A 203 -4.56 -2.67 10.41
C THR A 203 -5.19 -2.76 11.81
N PHE A 204 -6.14 -1.86 12.09
CA PHE A 204 -6.76 -1.68 13.42
C PHE A 204 -8.22 -1.26 13.22
N GLY A 205 -9.09 -1.71 14.13
CA GLY A 205 -10.52 -1.36 14.16
C GLY A 205 -10.99 -1.26 15.59
N PHE A 206 -11.99 -0.44 15.85
CA PHE A 206 -12.61 -0.24 17.19
C PHE A 206 -13.77 -1.22 17.32
N MET A 207 -13.76 -1.99 18.43
CA MET A 207 -14.82 -2.94 18.82
C MET A 207 -16.21 -2.30 18.74
N ARG A 208 -16.34 -1.03 19.13
CA ARG A 208 -17.65 -0.34 19.24
C ARG A 208 -18.26 -0.15 17.85
N ASP A 209 -17.43 -0.16 16.80
CA ASP A 209 -17.84 0.11 15.39
C ASP A 209 -18.26 -1.17 14.66
N ILE A 210 -17.93 -2.37 15.18
CA ILE A 210 -17.98 -3.65 14.41
C ILE A 210 -19.44 -3.99 14.06
N GLU A 211 -20.37 -3.93 15.02
CA GLU A 211 -21.82 -4.21 14.80
C GLU A 211 -22.31 -3.40 13.59
N TYR A 212 -22.12 -2.07 13.65
CA TYR A 212 -22.52 -1.15 12.57
C TYR A 212 -21.84 -1.57 11.27
N LEU A 213 -20.52 -1.80 11.30
CA LEU A 213 -19.74 -2.19 10.09
C LEU A 213 -20.35 -3.43 9.44
N ARG A 214 -20.67 -4.46 10.24
CA ARG A 214 -21.24 -5.75 9.74
C ARG A 214 -22.62 -5.51 9.10
N SER A 215 -23.38 -4.53 9.58
CA SER A 215 -24.71 -4.15 9.03
C SER A 215 -24.53 -3.48 7.66
N GLN A 216 -23.32 -2.96 7.39
CA GLN A 216 -22.95 -2.28 6.12
C GLN A 216 -22.07 -3.21 5.26
N ASN A 217 -22.01 -4.50 5.60
CA ASN A 217 -21.20 -5.54 4.89
C ASN A 217 -19.72 -5.14 4.86
N LEU A 218 -19.20 -4.59 5.95
CA LEU A 218 -17.74 -4.34 6.13
C LEU A 218 -17.24 -5.17 7.32
N ALA A 219 -15.92 -5.37 7.35
CA ALA A 219 -15.19 -6.09 8.42
C ALA A 219 -15.77 -7.49 8.62
N LEU A 220 -16.40 -8.09 7.60
CA LEU A 220 -17.01 -9.43 7.74
C LEU A 220 -15.90 -10.48 7.96
N GLY A 221 -14.69 -10.25 7.45
CA GLY A 221 -13.56 -11.17 7.60
C GLY A 221 -12.66 -10.80 8.77
N GLY A 222 -12.96 -9.72 9.47
CA GLY A 222 -12.12 -9.21 10.58
C GLY A 222 -12.02 -10.19 11.72
N SER A 223 -10.82 -10.35 12.29
CA SER A 223 -10.59 -11.10 13.55
C SER A 223 -9.32 -10.60 14.23
N VAL A 224 -9.11 -11.02 15.48
CA VAL A 224 -7.83 -10.73 16.20
C VAL A 224 -6.65 -11.30 15.40
N GLU A 225 -6.85 -12.28 14.50
CA GLU A 225 -5.75 -12.88 13.70
C GLU A 225 -5.31 -11.94 12.57
N ASN A 226 -6.15 -10.96 12.16
CA ASN A 226 -5.80 -10.09 11.00
C ASN A 226 -5.97 -8.59 11.32
N ALA A 227 -6.16 -8.21 12.59
CA ALA A 227 -6.32 -6.80 12.97
C ALA A 227 -6.08 -6.60 14.46
N ILE A 228 -5.50 -5.45 14.81
CA ILE A 228 -5.50 -4.91 16.20
C ILE A 228 -6.93 -4.45 16.49
N VAL A 229 -7.60 -5.14 17.40
CA VAL A 229 -8.98 -4.81 17.85
C VAL A 229 -8.84 -4.02 19.14
N VAL A 230 -9.41 -2.82 19.13
CA VAL A 230 -9.31 -1.87 20.26
C VAL A 230 -10.66 -1.80 20.96
N ASP A 231 -10.66 -2.14 22.24
CA ASP A 231 -11.85 -2.06 23.12
C ASP A 231 -11.95 -0.61 23.63
N GLU A 232 -12.75 -0.41 24.66
CA GLU A 232 -12.87 0.89 25.37
C GLU A 232 -11.49 1.44 25.74
N ASN A 233 -10.66 0.61 26.37
CA ASN A 233 -9.47 1.06 27.13
C ASN A 233 -8.20 0.30 26.72
N ARG A 234 -8.32 -0.84 26.04
CA ARG A 234 -7.13 -1.66 25.72
C ARG A 234 -7.30 -2.36 24.36
N VAL A 235 -6.17 -2.71 23.76
CA VAL A 235 -6.06 -3.72 22.67
C VAL A 235 -6.56 -5.05 23.24
N LEU A 236 -7.50 -5.71 22.56
CA LEU A 236 -8.02 -7.04 22.95
C LEU A 236 -7.01 -8.14 22.57
N ASN A 237 -6.23 -7.97 21.50
CA ASN A 237 -5.24 -8.98 21.04
C ASN A 237 -4.38 -9.41 22.22
N GLU A 238 -4.38 -10.71 22.52
CA GLU A 238 -3.72 -11.33 23.70
C GLU A 238 -2.22 -10.98 23.69
N ASP A 239 -1.59 -10.91 22.51
CA ASP A 239 -0.12 -10.71 22.36
C ASP A 239 0.22 -9.24 22.13
N GLY A 240 -0.76 -8.32 22.11
CA GLY A 240 -0.49 -6.87 22.13
C GLY A 240 0.05 -6.36 20.81
N LEU A 241 0.94 -5.36 20.84
CA LEU A 241 1.39 -4.62 19.63
C LEU A 241 2.78 -5.12 19.23
N ARG A 242 3.08 -5.02 17.94
CA ARG A 242 4.39 -5.38 17.34
C ARG A 242 5.37 -4.21 17.46
N TYR A 243 4.82 -2.99 17.51
CA TYR A 243 5.58 -1.72 17.56
C TYR A 243 4.82 -0.82 18.55
N GLU A 244 5.52 0.00 19.36
CA GLU A 244 4.87 0.98 20.28
C GLU A 244 3.97 1.91 19.46
N ASP A 245 4.42 2.26 18.26
CA ASP A 245 3.70 3.16 17.31
C ASP A 245 3.10 2.36 16.15
N GLU A 246 2.54 1.18 16.40
CA GLU A 246 2.02 0.31 15.31
C GLU A 246 0.89 1.00 14.52
N PHE A 247 -0.05 1.68 15.19
CA PHE A 247 -1.19 2.37 14.53
C PHE A 247 -0.66 3.35 13.48
N VAL A 248 0.25 4.26 13.83
CA VAL A 248 0.71 5.29 12.84
C VAL A 248 1.66 4.64 11.82
N LYS A 249 2.43 3.62 12.22
CA LYS A 249 3.28 2.84 11.28
C LYS A 249 2.38 2.21 10.21
N HIS A 250 1.21 1.73 10.60
CA HIS A 250 0.27 1.13 9.63
C HIS A 250 -0.24 2.19 8.65
N LYS A 251 -0.48 3.42 9.11
CA LYS A 251 -0.93 4.52 8.21
C LYS A 251 0.18 4.81 7.19
N ILE A 252 1.44 4.68 7.59
CA ILE A 252 2.62 4.86 6.71
C ILE A 252 2.63 3.72 5.68
N LEU A 253 2.35 2.49 6.13
CA LEU A 253 2.27 1.30 5.24
C LEU A 253 1.17 1.54 4.19
N ASP A 254 -0.02 1.96 4.60
CA ASP A 254 -1.15 2.28 3.71
C ASP A 254 -0.72 3.37 2.70
N ALA A 255 -0.08 4.43 3.19
CA ALA A 255 0.32 5.58 2.36
C ALA A 255 1.31 5.13 1.27
N ILE A 256 2.26 4.25 1.60
CA ILE A 256 3.28 3.75 0.62
C ILE A 256 2.55 2.95 -0.46
N GLY A 257 1.60 2.13 -0.08
CA GLY A 257 0.70 1.42 -1.01
C GLY A 257 -0.09 2.37 -1.91
N ASP A 258 -0.74 3.38 -1.33
CA ASP A 258 -1.53 4.37 -2.11
C ASP A 258 -0.62 5.17 -3.05
N LEU A 259 0.58 5.56 -2.59
CA LEU A 259 1.54 6.31 -3.43
C LEU A 259 1.93 5.46 -4.64
N TYR A 260 1.90 4.14 -4.51
CA TYR A 260 2.36 3.27 -5.62
C TYR A 260 1.33 3.29 -6.76
N LEU A 261 0.16 3.86 -6.52
CA LEU A 261 -0.86 4.07 -7.59
C LEU A 261 -0.35 5.06 -8.65
N LEU A 262 0.75 5.75 -8.34
CA LEU A 262 1.44 6.59 -9.36
C LEU A 262 2.03 5.69 -10.44
N GLY A 263 2.26 4.41 -10.17
CA GLY A 263 2.74 3.42 -11.15
C GLY A 263 4.25 3.31 -11.16
N ASN A 264 4.95 4.09 -10.34
CA ASN A 264 6.44 4.08 -10.21
C ASN A 264 6.82 4.51 -8.80
N SER A 265 8.02 4.10 -8.34
CA SER A 265 8.62 4.51 -7.04
C SER A 265 8.78 6.03 -7.04
N LEU A 266 8.61 6.62 -5.87
CA LEU A 266 8.68 8.07 -5.64
C LEU A 266 10.12 8.47 -5.29
N ILE A 267 10.60 9.58 -5.86
CA ILE A 267 11.72 10.39 -5.31
C ILE A 267 11.09 11.69 -4.78
N GLY A 268 10.86 11.75 -3.47
CA GLY A 268 10.22 12.89 -2.81
C GLY A 268 9.77 12.52 -1.41
N GLU A 269 9.08 13.45 -0.78
CA GLU A 269 8.59 13.32 0.60
C GLU A 269 7.06 13.34 0.54
N PHE A 270 6.42 12.45 1.30
CA PHE A 270 4.96 12.52 1.57
C PHE A 270 4.75 12.82 3.06
N ARG A 271 3.83 13.74 3.34
CA ARG A 271 3.44 14.12 4.72
C ARG A 271 1.93 13.95 4.81
N GLY A 272 1.43 13.10 5.72
CA GLY A 272 -0.01 12.89 5.95
C GLY A 272 -0.43 13.40 7.32
N PHE A 273 -1.48 14.23 7.36
CA PHE A 273 -2.06 14.81 8.60
C PHE A 273 -3.53 14.41 8.66
N LYS A 274 -3.79 13.28 9.32
CA LYS A 274 -5.14 12.68 9.46
C LYS A 274 -5.69 12.30 8.08
N SER A 275 -4.82 12.06 7.09
CA SER A 275 -5.18 11.68 5.71
C SER A 275 -5.64 10.21 5.67
N GLY A 276 -6.27 9.81 4.57
CA GLY A 276 -6.75 8.43 4.29
C GLY A 276 -6.76 8.17 2.79
N HIS A 277 -7.37 7.06 2.36
CA HIS A 277 -7.40 6.62 0.94
C HIS A 277 -7.90 7.78 0.07
N ALA A 278 -8.94 8.50 0.51
CA ALA A 278 -9.67 9.49 -0.29
C ALA A 278 -8.81 10.74 -0.54
N LEU A 279 -8.26 11.35 0.52
CA LEU A 279 -7.39 12.53 0.37
C LEU A 279 -6.09 12.11 -0.33
N ASN A 280 -5.53 10.95 -0.01
CA ASN A 280 -4.35 10.39 -0.72
C ASN A 280 -4.67 10.35 -2.22
N ASN A 281 -5.85 9.86 -2.61
CA ASN A 281 -6.27 9.83 -4.03
C ASN A 281 -6.43 11.27 -4.57
N GLN A 282 -7.02 12.20 -3.83
CA GLN A 282 -7.13 13.62 -4.30
C GLN A 282 -5.71 14.15 -4.53
N LEU A 283 -4.76 13.80 -3.67
CA LEU A 283 -3.36 14.28 -3.78
C LEU A 283 -2.72 13.67 -5.04
N LEU A 284 -2.88 12.36 -5.28
CA LEU A 284 -2.26 11.73 -6.46
C LEU A 284 -2.84 12.37 -7.72
N ARG A 285 -4.16 12.57 -7.76
CA ARG A 285 -4.86 13.16 -8.93
C ARG A 285 -4.33 14.58 -9.18
N THR A 286 -4.17 15.37 -8.13
CA THR A 286 -3.66 16.76 -8.23
C THR A 286 -2.21 16.73 -8.73
N LEU A 287 -1.37 15.83 -8.20
CA LEU A 287 0.04 15.73 -8.66
C LEU A 287 0.06 15.35 -10.14
N ILE A 288 -0.65 14.29 -10.51
CA ILE A 288 -0.61 13.77 -11.91
C ILE A 288 -1.02 14.88 -12.86
N ALA A 289 -2.05 15.66 -12.51
CA ALA A 289 -2.57 16.77 -13.34
C ALA A 289 -1.54 17.91 -13.42
N ASP A 290 -0.76 18.17 -12.38
CA ASP A 290 0.16 19.33 -12.37
C ASP A 290 1.53 18.86 -12.90
N LYS A 291 1.71 18.87 -14.22
CA LYS A 291 2.90 18.24 -14.85
C LYS A 291 4.12 19.13 -14.60
N ASP A 292 3.93 20.37 -14.12
CA ASP A 292 5.05 21.22 -13.64
C ASP A 292 5.68 20.62 -12.36
N ALA A 293 4.93 19.83 -11.59
CA ALA A 293 5.30 19.41 -10.20
C ALA A 293 6.04 18.07 -10.18
N TRP A 294 6.20 17.37 -11.30
CA TRP A 294 6.89 16.06 -11.30
C TRP A 294 7.50 15.78 -12.67
N GLU A 295 8.45 14.86 -12.71
CA GLU A 295 9.00 14.30 -13.96
C GLU A 295 9.38 12.85 -13.71
N VAL A 296 9.52 12.09 -14.79
CA VAL A 296 10.00 10.69 -14.76
C VAL A 296 11.51 10.69 -14.96
N VAL A 297 12.23 10.02 -14.06
CA VAL A 297 13.71 10.00 -14.06
C VAL A 297 14.12 8.53 -14.01
N THR A 298 15.30 8.25 -14.55
CA THR A 298 15.99 6.95 -14.39
C THR A 298 17.41 7.23 -13.87
N PHE A 299 18.09 6.19 -13.44
CA PHE A 299 19.47 6.28 -12.89
C PHE A 299 20.32 5.28 -13.66
N GLU A 300 21.12 5.76 -14.62
CA GLU A 300 22.06 4.93 -15.41
C GLU A 300 23.22 4.51 -14.51
N ASP A 301 23.40 5.14 -13.36
CA ASP A 301 24.50 4.73 -12.43
C ASP A 301 23.97 4.69 -11.00
N ALA A 302 23.80 3.48 -10.44
CA ALA A 302 23.27 3.24 -9.08
C ALA A 302 24.12 4.00 -8.03
N ARG A 303 25.41 4.20 -8.30
CA ARG A 303 26.39 4.78 -7.34
C ARG A 303 26.09 6.27 -7.11
N THR A 304 25.37 6.95 -8.01
CA THR A 304 25.10 8.41 -7.87
C THR A 304 23.61 8.66 -7.63
N ALA A 305 22.80 7.60 -7.49
CA ALA A 305 21.34 7.67 -7.23
C ALA A 305 21.06 8.01 -5.78
N PRO A 306 19.96 8.74 -5.47
CA PRO A 306 19.63 9.11 -4.09
C PRO A 306 18.92 8.02 -3.28
N ILE A 307 18.64 6.88 -3.90
CA ILE A 307 17.98 5.70 -3.29
C ILE A 307 18.77 4.46 -3.69
N SER A 308 18.62 3.40 -2.91
CA SER A 308 19.18 2.07 -3.25
C SER A 308 18.23 1.02 -2.71
N TYR A 309 18.26 -0.14 -3.33
CA TYR A 309 17.32 -1.27 -3.12
C TYR A 309 18.18 -2.45 -2.65
N MET A 310 17.60 -3.32 -1.81
CA MET A 310 18.22 -4.61 -1.41
C MET A 310 18.73 -5.32 -2.65
N ARG A 311 19.71 -6.21 -2.51
CA ARG A 311 20.04 -7.19 -3.55
C ARG A 311 18.74 -7.92 -3.88
N PRO A 312 18.54 -8.37 -5.15
CA PRO A 312 17.31 -9.06 -5.52
C PRO A 312 17.23 -10.50 -4.97
#